data_7EV6
#
_entry.id   7EV6
#
_cell.length_a   115.826
_cell.length_b   115.826
_cell.length_c   136.256
_cell.angle_alpha   90.000
_cell.angle_beta   90.000
_cell.angle_gamma   120.000
#
_symmetry.space_group_name_H-M   'P 6'
#
loop_
_entity.id
_entity.type
_entity.pdbx_description
1 polymer 'Endopeptidase La'
2 polymer 'F-b20-Q peptide {ortho-aminobenzoic acid (Abz)- QLRSLNGEWRFAWFPAPEAV[Tyr(3-NO2)]A}'
3 non-polymer 'PHOSPHATE ION'
4 water water
#
loop_
_entity_poly.entity_id
_entity_poly.type
_entity_poly.pdbx_seq_one_letter_code
_entity_poly.pdbx_strand_id
1 'polypeptide(L)'
;MRLSYEALEWRTPIENSTEPVSLPPPPPFFGQERAREALELAIRGGFHAYLVGPPSLGKHEALLAYLSTQSVETPPDLLY
VPLSERKVAVLTLPSGQEIHLAEAVEGLLLEVNRLDELFRQGSFLREKTQLEARFKEAREQQLEALRREAQEAGFALSTN
GERLELTGPGPVPAELSARLEEVTLGSLAASAELEVALRRLRRDWALHYLNNRFEPLFQRFPQARAYLEALRARLARYAE
TGEPLDPAQWRPNLLTSSSSGTPPPIVYEPYATAPRLFGRLDYLVDRGVWSTNVSLIRPGAVHRAQGGYLILDALSLKRE
GTWEAFKRALRNGQVEPVTEPQAPAGLEVEPFPIQMQVILVGTPEAFEGLEEDPAFSELFRIRAEFSPTLPASPENCTAL
GGWLLAQGFQLTQGGLTRLYDEARRMAEQRDRMDARLVEIRALAEEAAVLGGGLLTAESVEQAIAAREHRSFLSEEEFLR
AVQEGVIRLRTTGRAVGEVNSLVVVEAAPYWGRPARLTARAAPGRDHLISIDREAGLGGQIFHKAVLTLAGYLRSRYIEH
GSLPVTISLAFEQNYVSIEGASAGLAELVAALSAIGNLPLRQDLAVTGAVDQTGKVLAVGAINAKVEGFFRVCKALGLSG
TQGVILPEANLANLTLRAEVLEAVRAGQFHIYAVETAEQALEILAGARMEGFRGLQEKIRAGLEAFARLEEGHDKEDREK
LAAALEHHHHHH
;
A
2 'polypeptide(L)' EAV(NIY)A S
#
# COMPACT_ATOMS: atom_id res chain seq x y z
N MET A 1 -25.27 -4.52 21.44
CA MET A 1 -25.93 -3.20 21.17
C MET A 1 -26.34 -3.11 19.68
N ARG A 2 -27.53 -2.59 19.42
CA ARG A 2 -27.96 -2.29 18.06
C ARG A 2 -27.25 -1.01 17.64
N LEU A 3 -26.89 -0.91 16.37
CA LEU A 3 -26.32 0.33 15.83
C LEU A 3 -27.37 0.95 14.94
N SER A 4 -27.87 2.13 15.35
CA SER A 4 -28.86 2.86 14.59
C SER A 4 -28.24 3.37 13.29
N TYR A 5 -29.08 3.80 12.36
CA TYR A 5 -28.62 4.47 11.15
C TYR A 5 -27.77 5.66 11.55
N GLU A 6 -28.25 6.39 12.56
CA GLU A 6 -27.59 7.57 13.06
C GLU A 6 -26.14 7.27 13.49
N ALA A 7 -25.93 6.17 14.22
CA ALA A 7 -24.59 5.82 14.64
C ALA A 7 -23.73 5.36 13.43
N LEU A 8 -24.36 4.78 12.41
CA LEU A 8 -23.64 4.24 11.25
C LEU A 8 -23.27 5.27 10.18
N GLU A 9 -23.98 6.39 10.12
CA GLU A 9 -23.75 7.39 9.09
C GLU A 9 -22.41 8.04 9.39
N TRP A 10 -21.59 8.11 8.35
CA TRP A 10 -20.23 8.54 8.49
C TRP A 10 -19.90 9.59 7.44
N ARG A 11 -20.80 9.79 6.49
CA ARG A 11 -20.53 10.61 5.32
C ARG A 11 -20.63 12.10 5.63
N THR A 12 -19.96 12.91 4.81
CA THR A 12 -19.96 14.35 4.97
C THR A 12 -21.22 14.98 4.35
N PRO A 13 -21.98 15.76 5.12
CA PRO A 13 -23.13 16.37 4.45
C PRO A 13 -22.70 17.33 3.31
N ILE A 14 -23.49 17.39 2.25
CA ILE A 14 -23.16 18.25 1.11
C ILE A 14 -24.16 19.40 1.03
N GLU A 15 -23.67 20.63 1.08
CA GLU A 15 -24.45 21.84 0.78
C GLU A 15 -23.94 22.54 -0.50
N ASN A 16 -24.88 23.04 -1.29
CA ASN A 16 -24.61 23.63 -2.61
C ASN A 16 -23.66 22.77 -3.47
N SER A 17 -24.14 21.56 -3.75
CA SER A 17 -23.37 20.51 -4.40
C SER A 17 -22.70 20.99 -5.68
N THR A 18 -23.44 21.75 -6.50
CA THR A 18 -22.91 22.13 -7.81
C THR A 18 -22.04 23.36 -7.83
N GLU A 19 -21.84 24.00 -6.68
CA GLU A 19 -21.04 25.21 -6.62
C GLU A 19 -19.59 24.91 -7.03
N PRO A 20 -19.02 25.71 -7.96
CA PRO A 20 -17.61 25.50 -8.33
C PRO A 20 -16.63 25.73 -7.17
N VAL A 21 -15.64 24.87 -7.03
CA VAL A 21 -14.68 25.00 -5.94
C VAL A 21 -13.53 25.90 -6.36
N SER A 22 -13.06 26.74 -5.44
CA SER A 22 -12.02 27.71 -5.72
C SER A 22 -11.07 27.75 -4.53
N LEU A 23 -9.87 27.21 -4.71
CA LEU A 23 -8.97 26.97 -3.59
C LEU A 23 -7.52 27.00 -4.05
N PRO A 24 -6.63 27.60 -3.23
CA PRO A 24 -5.21 27.62 -3.59
C PRO A 24 -4.57 26.23 -3.46
N PRO A 25 -3.47 25.98 -4.20
CA PRO A 25 -2.81 24.69 -4.10
C PRO A 25 -2.08 24.56 -2.77
N PRO A 26 -2.17 23.39 -2.10
CA PRO A 26 -1.46 23.23 -0.84
C PRO A 26 0.02 23.05 -1.09
N PRO A 27 0.84 23.21 -0.05
CA PRO A 27 2.26 22.96 -0.20
C PRO A 27 2.59 21.47 -0.45
N PRO A 28 3.71 21.19 -1.14
CA PRO A 28 4.14 19.78 -1.25
C PRO A 28 4.24 19.13 0.13
N PHE A 29 3.98 17.82 0.20
CA PHE A 29 4.10 17.08 1.47
C PHE A 29 3.02 17.42 2.49
N PHE A 30 1.86 17.91 2.04
CA PHE A 30 0.82 18.32 3.00
C PHE A 30 0.32 17.10 3.79
N GLY A 31 0.20 17.23 5.10
CA GLY A 31 -0.14 16.08 5.96
C GLY A 31 0.90 14.95 5.99
N GLN A 32 2.05 15.18 5.38
CA GLN A 32 3.18 14.27 5.46
C GLN A 32 4.36 14.95 6.18
N GLU A 33 4.12 15.30 7.44
CA GLU A 33 5.06 16.09 8.28
C GLU A 33 6.41 15.39 8.51
N ARG A 34 6.32 14.16 8.98
CA ARG A 34 7.46 13.28 9.16
C ARG A 34 8.40 13.25 7.95
N ALA A 35 7.87 12.96 6.78
CA ALA A 35 8.67 12.84 5.56
C ALA A 35 9.27 14.17 5.12
N ARG A 36 8.51 15.25 5.23
CA ARG A 36 9.02 16.59 4.87
C ARG A 36 10.15 17.05 5.78
N GLU A 37 9.97 16.88 7.09
CA GLU A 37 10.98 17.27 8.08
C GLU A 37 12.27 16.43 7.87
N ALA A 38 12.11 15.15 7.53
CA ALA A 38 13.26 14.28 7.20
C ALA A 38 14.00 14.80 5.97
N LEU A 39 13.24 15.11 4.93
CA LEU A 39 13.84 15.64 3.71
C LEU A 39 14.53 16.99 3.99
N GLU A 40 13.90 17.84 4.80
CA GLU A 40 14.50 19.13 5.18
C GLU A 40 15.85 18.99 5.90
N LEU A 41 15.92 18.06 6.85
CA LEU A 41 17.18 17.71 7.47
C LEU A 41 18.21 17.19 6.45
N ALA A 42 17.81 16.29 5.57
CA ALA A 42 18.73 15.82 4.50
C ALA A 42 19.25 16.96 3.61
N ILE A 43 18.37 17.89 3.23
CA ILE A 43 18.78 19.04 2.43
C ILE A 43 19.76 19.93 3.24
N ARG A 44 19.41 20.29 4.47
CA ARG A 44 20.29 21.07 5.35
C ARG A 44 21.65 20.39 5.61
N GLY A 45 21.64 19.09 5.86
CA GLY A 45 22.86 18.37 6.15
C GLY A 45 23.67 17.90 4.95
N GLY A 46 23.13 17.99 3.74
CA GLY A 46 23.81 17.36 2.59
C GLY A 46 23.84 15.83 2.68
N PHE A 47 22.86 15.23 3.33
CA PHE A 47 22.86 13.79 3.53
C PHE A 47 22.07 13.12 2.41
N HIS A 48 22.41 11.88 2.10
CA HIS A 48 21.61 11.08 1.21
C HIS A 48 20.37 10.56 1.93
N ALA A 49 19.24 10.55 1.23
CA ALA A 49 17.99 10.13 1.82
C ALA A 49 17.21 9.13 0.96
N TYR A 50 16.28 8.46 1.61
CA TYR A 50 15.35 7.60 0.92
C TYR A 50 13.91 7.90 1.32
N LEU A 51 13.07 8.00 0.28
CA LEU A 51 11.65 8.23 0.40
C LEU A 51 10.92 6.93 0.31
N VAL A 52 10.25 6.58 1.40
CA VAL A 52 9.57 5.30 1.51
C VAL A 52 8.07 5.42 1.75
N GLY A 53 7.30 4.58 1.06
CA GLY A 53 5.85 4.62 1.19
C GLY A 53 5.18 3.71 0.18
N PRO A 54 3.91 3.37 0.38
CA PRO A 54 3.24 2.47 -0.56
C PRO A 54 3.13 3.05 -1.99
N PRO A 55 2.86 2.21 -2.97
CA PRO A 55 2.69 2.75 -4.33
C PRO A 55 1.53 3.76 -4.45
N SER A 56 1.59 4.61 -5.49
CA SER A 56 0.53 5.56 -5.81
C SER A 56 0.28 6.68 -4.80
N LEU A 57 1.27 6.96 -3.98
CA LEU A 57 1.22 8.08 -3.05
C LEU A 57 1.53 9.42 -3.72
N GLY A 58 2.17 9.40 -4.89
CA GLY A 58 2.67 10.66 -5.43
C GLY A 58 3.98 11.10 -4.77
N LYS A 59 4.74 10.12 -4.28
CA LYS A 59 6.06 10.35 -3.70
C LYS A 59 6.97 11.11 -4.69
N HIS A 60 7.09 10.63 -5.91
CA HIS A 60 7.91 11.32 -6.92
C HIS A 60 7.46 12.74 -7.20
N GLU A 61 6.15 12.95 -7.36
CA GLU A 61 5.64 14.30 -7.68
C GLU A 61 5.88 15.22 -6.52
N ALA A 62 5.66 14.75 -5.30
CA ALA A 62 5.89 15.62 -4.14
C ALA A 62 7.36 16.02 -4.04
N LEU A 63 8.25 15.08 -4.34
CA LEU A 63 9.69 15.29 -4.26
C LEU A 63 10.19 16.33 -5.28
N LEU A 64 9.84 16.15 -6.54
CA LEU A 64 10.30 17.07 -7.59
C LEU A 64 9.82 18.50 -7.33
N ALA A 65 8.57 18.61 -6.90
CA ALA A 65 7.97 19.90 -6.61
C ALA A 65 8.74 20.57 -5.51
N TYR A 66 8.98 19.84 -4.43
CA TYR A 66 9.75 20.37 -3.32
C TYR A 66 11.18 20.80 -3.71
N LEU A 67 11.84 20.00 -4.54
CA LEU A 67 13.25 20.29 -4.92
C LEU A 67 13.35 21.49 -5.86
N SER A 68 12.33 21.65 -6.70
CA SER A 68 12.18 22.83 -7.55
C SER A 68 12.25 24.18 -6.84
N THR A 69 12.04 24.20 -5.53
CA THR A 69 12.00 25.45 -4.77
C THR A 69 13.30 25.74 -4.06
N GLN A 70 14.29 24.85 -4.19
CA GLN A 70 15.55 25.06 -3.54
C GLN A 70 16.42 26.02 -4.36
N SER A 71 17.49 26.47 -3.74
CA SER A 71 18.44 27.37 -4.38
C SER A 71 19.84 27.00 -3.96
N VAL A 72 20.64 26.52 -4.90
CA VAL A 72 22.05 26.24 -4.65
C VAL A 72 22.88 27.30 -5.36
N GLU A 73 24.16 27.38 -5.02
CA GLU A 73 25.13 28.18 -5.75
C GLU A 73 25.29 27.53 -7.12
N THR A 74 25.43 28.35 -8.17
CA THR A 74 25.46 27.89 -9.56
C THR A 74 26.42 26.71 -9.77
N PRO A 75 25.94 25.62 -10.39
CA PRO A 75 26.81 24.48 -10.68
C PRO A 75 28.07 24.85 -11.47
N PRO A 76 29.25 24.40 -11.01
CA PRO A 76 30.46 24.54 -11.80
C PRO A 76 30.32 23.94 -13.19
N ASP A 77 31.22 24.34 -14.09
CA ASP A 77 31.38 23.64 -15.36
C ASP A 77 31.97 22.29 -15.02
N LEU A 78 31.49 21.24 -15.68
CA LEU A 78 32.02 19.90 -15.44
C LEU A 78 32.55 19.33 -16.73
N LEU A 79 33.76 18.78 -16.68
CA LEU A 79 34.40 18.29 -17.89
C LEU A 79 35.37 17.12 -17.68
N TYR A 80 35.53 16.33 -18.74
CA TYR A 80 36.64 15.36 -18.85
C TYR A 80 37.83 16.05 -19.51
N VAL A 81 38.99 16.00 -18.87
CA VAL A 81 40.24 16.40 -19.52
C VAL A 81 41.21 15.22 -19.55
N PRO A 82 41.96 15.08 -20.65
CA PRO A 82 43.00 14.04 -20.71
C PRO A 82 44.25 14.39 -19.91
N LEU A 83 44.72 13.46 -19.08
CA LEU A 83 46.01 13.56 -18.41
C LEU A 83 47.06 12.79 -19.20
N SER A 84 46.70 12.37 -20.41
CA SER A 84 47.47 11.44 -21.22
C SER A 84 46.62 11.00 -22.41
N GLU A 85 47.20 10.17 -23.27
CA GLU A 85 46.53 9.70 -24.47
C GLU A 85 45.64 8.46 -24.18
N ARG A 86 45.82 7.88 -23.00
CA ARG A 86 44.96 6.77 -22.55
C ARG A 86 44.38 7.00 -21.14
N LYS A 87 44.49 8.23 -20.62
CA LYS A 87 43.98 8.54 -19.29
C LYS A 87 43.17 9.83 -19.33
N VAL A 88 42.10 9.88 -18.53
CA VAL A 88 41.24 11.05 -18.43
C VAL A 88 40.79 11.27 -16.97
N ALA A 89 40.54 12.54 -16.63
CA ALA A 89 40.04 12.88 -15.30
C ALA A 89 38.85 13.80 -15.43
N VAL A 90 37.98 13.77 -14.41
CA VAL A 90 36.82 14.64 -14.36
C VAL A 90 37.22 15.92 -13.64
N LEU A 91 36.94 17.06 -14.26
CA LEU A 91 37.35 18.36 -13.72
C LEU A 91 36.18 19.33 -13.61
N THR A 92 36.23 20.17 -12.58
CA THR A 92 35.33 21.32 -12.46
C THR A 92 36.10 22.65 -12.44
N LEU A 93 35.68 23.57 -13.30
CA LEU A 93 36.04 24.99 -13.18
C LEU A 93 34.79 25.78 -12.79
N PRO A 94 34.95 27.00 -12.24
CA PRO A 94 33.83 27.92 -12.01
C PRO A 94 33.00 28.16 -13.28
N SER A 95 31.72 28.49 -13.10
CA SER A 95 30.76 28.53 -14.21
C SER A 95 31.16 29.52 -15.31
N GLY A 96 30.90 29.14 -16.56
CA GLY A 96 31.26 29.97 -17.73
C GLY A 96 32.68 29.79 -18.26
N GLN A 97 33.60 29.38 -17.38
CA GLN A 97 35.04 29.46 -17.64
C GLN A 97 35.62 28.40 -18.59
N GLU A 98 34.90 27.32 -18.83
CA GLU A 98 35.44 26.24 -19.68
C GLU A 98 35.52 26.68 -21.15
N ILE A 99 34.61 27.57 -21.56
CA ILE A 99 34.56 28.02 -22.96
C ILE A 99 35.82 28.81 -23.35
N HIS A 100 36.44 29.47 -22.37
CA HIS A 100 37.72 30.17 -22.58
C HIS A 100 38.89 29.20 -22.70
N LEU A 101 38.89 28.18 -21.83
CA LEU A 101 39.91 27.13 -21.86
C LEU A 101 39.81 26.28 -23.14
N ALA A 102 38.63 26.26 -23.76
CA ALA A 102 38.42 25.55 -25.03
C ALA A 102 38.91 26.38 -26.22
N GLU A 103 38.64 27.68 -26.19
CA GLU A 103 39.13 28.60 -27.23
C GLU A 103 40.64 28.71 -27.20
N ALA A 104 41.20 28.86 -25.99
CA ALA A 104 42.65 28.90 -25.79
C ALA A 104 43.33 27.65 -26.35
N VAL A 105 42.78 26.47 -26.04
CA VAL A 105 43.36 25.20 -26.48
C VAL A 105 43.21 25.00 -27.99
N GLU A 106 42.07 25.42 -28.54
CA GLU A 106 41.86 25.37 -29.99
C GLU A 106 42.92 26.23 -30.71
N GLY A 107 43.57 27.11 -29.95
CA GLY A 107 44.89 27.64 -30.33
C GLY A 107 45.90 26.50 -30.23
N LEU A 108 45.77 25.55 -31.16
CA LEU A 108 46.56 24.32 -31.23
C LEU A 108 47.62 24.17 -30.12
N PHE A 218 49.26 27.60 -17.00
CA PHE A 218 48.65 28.35 -15.90
C PHE A 218 48.15 29.72 -16.37
N GLN A 219 47.75 29.81 -17.63
CA GLN A 219 47.47 31.12 -18.25
C GLN A 219 46.45 31.94 -17.44
N ARG A 220 45.25 31.39 -17.25
CA ARG A 220 44.28 31.99 -16.32
C ARG A 220 43.24 30.96 -15.83
N PHE A 221 43.68 29.70 -15.72
CA PHE A 221 42.81 28.59 -15.34
C PHE A 221 43.51 27.77 -14.27
N PRO A 222 43.82 28.40 -13.11
CA PRO A 222 44.66 27.79 -12.07
C PRO A 222 44.31 26.34 -11.73
N GLN A 223 43.01 26.05 -11.61
CA GLN A 223 42.54 24.72 -11.20
C GLN A 223 42.70 23.66 -12.29
N ALA A 224 42.86 24.08 -13.56
CA ALA A 224 43.07 23.16 -14.67
C ALA A 224 44.57 22.95 -14.96
N ARG A 225 45.35 22.64 -13.92
CA ARG A 225 46.81 22.61 -14.04
C ARG A 225 47.34 21.37 -14.77
N ALA A 226 46.88 20.19 -14.36
CA ALA A 226 47.44 18.93 -14.84
C ALA A 226 47.20 18.72 -16.32
N TYR A 227 46.07 19.22 -16.82
CA TYR A 227 45.69 19.05 -18.22
C TYR A 227 46.57 19.87 -19.18
N LEU A 228 47.10 20.99 -18.70
CA LEU A 228 48.05 21.79 -19.47
C LEU A 228 49.46 21.22 -19.25
N GLU A 229 49.77 20.98 -17.97
CA GLU A 229 51.03 20.40 -17.53
C GLU A 229 51.35 19.03 -18.13
N ALA A 230 50.33 18.38 -18.72
CA ALA A 230 50.52 17.17 -19.52
C ALA A 230 50.19 17.39 -21.01
N LEU A 231 49.64 18.56 -21.35
CA LEU A 231 49.46 18.98 -22.75
C LEU A 231 50.79 19.25 -23.49
N ARG A 232 51.92 19.11 -22.78
CA ARG A 232 53.23 19.39 -23.35
C ARG A 232 53.98 18.09 -23.64
N ALA A 236 54.36 19.68 -26.78
CA ALA A 236 55.81 19.89 -26.85
C ALA A 236 56.48 18.91 -27.83
N ARG A 237 56.20 17.63 -27.64
CA ARG A 237 56.90 16.56 -28.36
C ARG A 237 56.33 16.22 -29.75
N TYR A 238 55.43 17.08 -30.25
CA TYR A 238 55.11 17.09 -31.68
C TYR A 238 56.33 17.63 -32.44
N ALA A 239 57.02 18.60 -31.84
CA ALA A 239 58.20 19.20 -32.45
C ALA A 239 59.43 18.30 -32.30
N GLU A 240 59.66 17.80 -31.08
CA GLU A 240 60.81 16.94 -30.76
C GLU A 240 60.84 15.64 -31.57
N THR A 241 59.68 15.17 -32.01
CA THR A 241 59.57 13.93 -32.80
C THR A 241 58.97 14.13 -34.20
N GLY A 242 58.21 15.20 -34.40
CA GLY A 242 57.41 15.36 -35.62
C GLY A 242 56.21 14.42 -35.58
N GLU A 243 55.92 13.89 -34.39
CA GLU A 243 54.89 12.87 -34.20
C GLU A 243 53.54 13.54 -34.36
N PRO A 244 52.70 13.04 -35.29
CA PRO A 244 51.38 13.66 -35.48
C PRO A 244 50.42 13.45 -34.28
N LEU A 245 50.33 14.45 -33.41
CA LEU A 245 49.43 14.41 -32.25
C LEU A 245 48.22 15.32 -32.47
N ALA A 248 44.03 14.25 -32.91
CA ALA A 248 43.45 15.51 -32.45
C ALA A 248 42.49 15.25 -31.27
N GLN A 249 43.04 14.63 -30.22
CA GLN A 249 42.27 14.12 -29.09
C GLN A 249 42.76 14.73 -27.78
N TRP A 250 42.89 16.05 -27.79
CA TRP A 250 43.47 16.78 -26.66
C TRP A 250 42.65 18.02 -26.23
N ARG A 251 41.50 18.22 -26.84
CA ARG A 251 40.60 19.31 -26.44
C ARG A 251 39.64 18.80 -25.35
N PRO A 252 39.36 19.64 -24.34
CA PRO A 252 38.46 19.25 -23.24
C PRO A 252 37.06 18.88 -23.69
N ASN A 253 36.42 17.98 -22.94
CA ASN A 253 35.05 17.60 -23.19
C ASN A 253 34.15 18.13 -22.07
N LEU A 254 33.40 19.20 -22.37
CA LEU A 254 32.40 19.72 -21.44
C LEU A 254 31.22 18.76 -21.38
N LEU A 255 30.81 18.46 -20.15
CA LEU A 255 29.67 17.58 -19.91
C LEU A 255 28.44 18.43 -19.66
N THR A 256 28.55 19.37 -18.73
CA THR A 256 27.43 20.21 -18.33
C THR A 256 27.87 21.63 -17.99
N SER A 257 26.89 22.52 -18.03
CA SER A 257 27.05 23.91 -17.59
C SER A 257 25.66 24.50 -17.38
N SER A 258 25.56 25.49 -16.50
CA SER A 258 24.23 26.03 -16.13
C SER A 258 24.29 27.48 -15.64
N SER A 259 23.20 28.21 -15.91
CA SER A 259 23.15 29.66 -15.69
C SER A 259 22.95 30.06 -14.24
N SER A 260 22.30 29.20 -13.47
CA SER A 260 21.97 29.47 -12.07
C SER A 260 21.80 28.17 -11.29
N GLY A 261 21.90 28.26 -9.97
CA GLY A 261 21.53 27.16 -9.10
C GLY A 261 20.13 27.29 -8.50
N THR A 262 19.22 27.93 -9.24
CA THR A 262 17.80 28.03 -8.86
C THR A 262 16.93 27.79 -10.09
N PRO A 263 16.28 26.62 -10.18
CA PRO A 263 16.37 25.49 -9.26
C PRO A 263 17.72 24.78 -9.40
N PRO A 264 18.13 24.00 -8.40
CA PRO A 264 19.35 23.19 -8.51
C PRO A 264 19.20 22.16 -9.62
N PRO A 265 20.30 21.50 -10.00
CA PRO A 265 20.12 20.37 -10.92
C PRO A 265 19.25 19.28 -10.25
N ILE A 266 18.30 18.76 -11.01
CA ILE A 266 17.37 17.76 -10.54
C ILE A 266 17.31 16.69 -11.60
N VAL A 267 17.90 15.54 -11.30
CA VAL A 267 17.98 14.49 -12.29
C VAL A 267 17.27 13.26 -11.78
N TYR A 268 16.12 12.96 -12.37
CA TYR A 268 15.40 11.74 -12.07
C TYR A 268 15.67 10.77 -13.21
N GLU A 269 16.41 9.71 -12.89
CA GLU A 269 16.63 8.61 -13.80
C GLU A 269 15.94 7.34 -13.30
N PRO A 270 14.75 7.04 -13.85
CA PRO A 270 14.01 5.86 -13.42
C PRO A 270 14.58 4.54 -13.94
N TYR A 271 15.45 4.62 -14.97
CA TYR A 271 16.01 3.44 -15.59
C TYR A 271 17.52 3.41 -15.29
N ALA A 272 17.89 2.67 -14.25
CA ALA A 272 19.21 2.83 -13.61
C ALA A 272 20.20 1.81 -14.13
N THR A 273 20.38 1.77 -15.46
CA THR A 273 21.39 0.93 -16.09
C THR A 273 22.75 1.60 -15.92
N ALA A 274 23.84 0.83 -16.07
CA ALA A 274 25.19 1.39 -15.94
C ALA A 274 25.44 2.55 -16.91
N PRO A 275 25.04 2.41 -18.19
CA PRO A 275 25.21 3.53 -19.12
C PRO A 275 24.43 4.80 -18.78
N ARG A 276 23.18 4.67 -18.33
CA ARG A 276 22.38 5.83 -17.91
C ARG A 276 22.88 6.49 -16.61
N LEU A 277 23.48 5.71 -15.71
CA LEU A 277 24.07 6.28 -14.49
C LEU A 277 25.45 6.87 -14.73
N PHE A 278 26.31 6.14 -15.43
CA PHE A 278 27.74 6.46 -15.50
C PHE A 278 28.25 7.01 -16.83
N GLY A 279 27.41 7.03 -17.85
CA GLY A 279 27.82 7.49 -19.16
C GLY A 279 28.30 6.38 -20.08
N ARG A 280 28.77 6.77 -21.26
CA ARG A 280 29.08 5.81 -22.31
C ARG A 280 30.37 6.20 -23.05
N LEU A 281 31.04 5.20 -23.62
CA LEU A 281 32.12 5.41 -24.59
C LEU A 281 31.60 5.06 -25.97
N ASP A 282 31.54 6.05 -26.86
CA ASP A 282 31.30 5.77 -28.27
C ASP A 282 32.66 5.53 -28.94
N TYR A 283 32.68 4.68 -29.97
CA TYR A 283 33.90 4.32 -30.68
C TYR A 283 33.76 4.73 -32.14
N LEU A 284 34.66 5.59 -32.62
CA LEU A 284 34.68 5.96 -34.04
C LEU A 284 35.84 5.25 -34.75
N VAL A 285 35.56 4.77 -35.96
CA VAL A 285 36.50 3.99 -36.75
C VAL A 285 37.06 4.84 -37.87
N TRP A 290 40.07 0.31 -34.35
CA TRP A 290 39.16 1.31 -33.81
C TRP A 290 39.95 2.42 -33.11
N SER A 291 39.25 3.39 -32.55
CA SER A 291 39.87 4.37 -31.65
C SER A 291 38.84 5.05 -30.78
N THR A 292 39.29 5.51 -29.61
CA THR A 292 38.49 6.39 -28.76
C THR A 292 39.38 7.46 -28.14
N ASN A 293 38.71 8.47 -27.59
CA ASN A 293 39.40 9.60 -26.98
C ASN A 293 38.44 10.37 -26.09
N VAL A 294 38.98 11.28 -25.29
CA VAL A 294 38.18 12.10 -24.35
C VAL A 294 36.91 12.64 -24.97
N SER A 295 37.02 13.13 -26.20
CA SER A 295 35.91 13.81 -26.84
C SER A 295 34.70 12.89 -27.07
N LEU A 296 34.92 11.57 -27.07
CA LEU A 296 33.84 10.61 -27.30
C LEU A 296 33.16 10.05 -26.02
N ILE A 297 33.46 10.62 -24.86
CA ILE A 297 32.85 10.20 -23.60
C ILE A 297 31.54 10.96 -23.38
N ARG A 298 30.42 10.23 -23.35
CA ARG A 298 29.11 10.80 -23.09
C ARG A 298 28.79 10.75 -21.57
N PRO A 299 28.18 11.83 -21.03
CA PRO A 299 27.88 11.81 -19.59
C PRO A 299 26.67 10.94 -19.25
N GLY A 300 26.54 10.63 -17.96
CA GLY A 300 25.42 9.86 -17.42
C GLY A 300 24.74 10.73 -16.38
N ALA A 301 23.70 10.19 -15.78
CA ALA A 301 22.90 10.89 -14.77
C ALA A 301 23.74 11.39 -13.60
N VAL A 302 24.75 10.62 -13.21
CA VAL A 302 25.62 11.02 -12.12
C VAL A 302 26.31 12.36 -12.45
N HIS A 303 26.85 12.47 -13.65
CA HIS A 303 27.49 13.69 -14.12
C HIS A 303 26.52 14.87 -14.21
N ARG A 304 25.33 14.63 -14.74
CA ARG A 304 24.32 15.71 -14.84
C ARG A 304 23.78 16.19 -13.48
N ALA A 305 23.91 15.38 -12.44
CA ALA A 305 23.33 15.76 -11.14
C ALA A 305 24.30 16.49 -10.23
N GLN A 306 25.54 16.66 -10.67
CA GLN A 306 26.57 17.29 -9.85
C GLN A 306 26.18 18.73 -9.52
N GLY A 307 26.36 19.12 -8.27
CA GLY A 307 25.83 20.38 -7.77
C GLY A 307 24.37 20.32 -7.31
N GLY A 308 23.65 19.25 -7.66
CA GLY A 308 22.26 19.09 -7.23
C GLY A 308 21.87 17.69 -6.75
N TYR A 309 20.79 17.17 -7.33
CA TYR A 309 20.03 16.04 -6.79
C TYR A 309 19.85 14.95 -7.83
N LEU A 310 20.16 13.73 -7.42
CA LEU A 310 19.92 12.56 -8.26
C LEU A 310 18.87 11.71 -7.57
N ILE A 311 17.80 11.38 -8.32
CA ILE A 311 16.71 10.57 -7.82
C ILE A 311 16.68 9.27 -8.62
N LEU A 312 16.75 8.13 -7.91
CA LEU A 312 16.67 6.81 -8.51
C LEU A 312 15.59 6.05 -7.77
N ASP A 313 15.07 5.00 -8.42
CA ASP A 313 14.14 4.06 -7.78
C ASP A 313 14.88 2.83 -7.30
N ALA A 314 14.67 2.49 -6.03
CA ALA A 314 15.34 1.37 -5.40
C ALA A 314 15.21 0.11 -6.20
N LEU A 315 14.00 -0.11 -6.71
CA LEU A 315 13.64 -1.28 -7.49
C LEU A 315 14.50 -1.39 -8.76
N SER A 316 14.80 -0.26 -9.40
CA SER A 316 15.64 -0.27 -10.59
C SER A 316 17.10 -0.63 -10.29
N LEU A 317 17.64 -0.09 -9.23
CA LEU A 317 18.98 -0.47 -8.83
C LEU A 317 19.13 -1.98 -8.65
N LYS A 318 18.12 -2.63 -8.07
CA LYS A 318 18.13 -4.09 -7.90
C LYS A 318 17.93 -4.82 -9.22
N ARG A 319 16.85 -4.47 -9.92
CA ARG A 319 16.53 -5.06 -11.22
C ARG A 319 17.69 -4.96 -12.23
N GLU A 320 18.30 -3.79 -12.33
CA GLU A 320 19.40 -3.57 -13.27
C GLU A 320 20.74 -4.06 -12.76
N GLY A 321 20.79 -4.52 -11.51
CA GLY A 321 22.02 -5.07 -10.96
C GLY A 321 23.09 -4.02 -10.75
N THR A 322 22.69 -2.75 -10.55
CA THR A 322 23.65 -1.65 -10.51
C THR A 322 23.94 -1.12 -9.11
N TRP A 323 23.30 -1.68 -8.09
CA TRP A 323 23.60 -1.31 -6.71
C TRP A 323 25.10 -1.32 -6.33
N GLU A 324 25.83 -2.40 -6.63
CA GLU A 324 27.23 -2.45 -6.23
C GLU A 324 28.04 -1.36 -6.92
N ALA A 325 27.85 -1.18 -8.21
CA ALA A 325 28.55 -0.06 -8.89
C ALA A 325 28.14 1.31 -8.34
N PHE A 326 26.86 1.48 -8.00
CA PHE A 326 26.42 2.74 -7.42
C PHE A 326 27.12 3.01 -6.11
N LYS A 327 27.19 2.00 -5.25
CA LYS A 327 27.93 2.12 -4.01
C LYS A 327 29.37 2.53 -4.27
N ARG A 328 30.01 1.93 -5.25
CA ARG A 328 31.39 2.28 -5.58
C ARG A 328 31.53 3.72 -6.03
N ALA A 329 30.52 4.22 -6.73
CA ALA A 329 30.53 5.59 -7.16
C ALA A 329 30.49 6.53 -5.95
N LEU A 330 29.58 6.25 -5.01
CA LEU A 330 29.41 7.10 -3.82
C LEU A 330 30.53 6.97 -2.77
N ARG A 331 31.02 5.75 -2.55
CA ARG A 331 32.05 5.48 -1.53
C ARG A 331 33.47 5.83 -1.99
N ASN A 332 33.73 5.60 -3.27
CA ASN A 332 35.11 5.66 -3.80
C ASN A 332 35.29 6.62 -4.96
N GLY A 333 34.19 7.20 -5.45
CA GLY A 333 34.30 8.12 -6.56
C GLY A 333 34.55 7.47 -7.91
N GLN A 334 34.49 6.13 -7.96
CA GLN A 334 34.61 5.36 -9.20
C GLN A 334 33.37 5.55 -10.06
N VAL A 335 33.45 6.38 -11.08
CA VAL A 335 32.39 6.52 -12.08
C VAL A 335 32.96 6.10 -13.43
N GLU A 336 32.61 4.88 -13.86
CA GLU A 336 33.20 4.23 -15.04
C GLU A 336 32.24 4.26 -16.23
N PRO A 337 32.55 5.10 -17.22
CA PRO A 337 31.83 5.10 -18.47
C PRO A 337 31.81 3.69 -19.04
N VAL A 338 30.67 3.29 -19.57
CA VAL A 338 30.50 1.92 -20.03
C VAL A 338 31.23 1.72 -21.37
N THR A 339 32.02 0.65 -21.43
CA THR A 339 32.83 0.30 -22.60
C THR A 339 32.21 -0.93 -23.27
N GLU A 340 32.65 -1.24 -24.48
CA GLU A 340 32.10 -2.39 -25.22
C GLU A 340 33.09 -3.56 -25.24
N PRO A 341 32.56 -4.80 -25.36
CA PRO A 341 33.41 -6.00 -25.31
C PRO A 341 34.38 -6.15 -26.48
N GLN A 342 34.22 -5.31 -27.51
CA GLN A 342 34.90 -5.48 -28.79
C GLN A 342 36.26 -4.77 -28.82
N ALA A 343 36.28 -3.51 -28.40
CA ALA A 343 37.42 -2.60 -28.62
C ALA A 343 38.77 -3.13 -28.12
N PRO A 344 39.82 -3.01 -28.95
CA PRO A 344 41.19 -3.42 -28.62
C PRO A 344 41.79 -2.77 -27.35
N ALA A 345 41.31 -1.59 -26.96
CA ALA A 345 41.78 -0.94 -25.74
C ALA A 345 40.73 0.04 -25.24
N GLY A 346 41.00 0.65 -24.10
CA GLY A 346 40.08 1.61 -23.51
C GLY A 346 40.78 2.71 -22.74
N LEU A 347 40.04 3.75 -22.39
CA LEU A 347 40.56 4.85 -21.60
C LEU A 347 40.45 4.51 -20.13
N GLU A 348 41.52 4.79 -19.39
CA GLU A 348 41.49 4.76 -17.95
C GLU A 348 40.81 6.05 -17.47
N VAL A 349 40.02 5.94 -16.41
CA VAL A 349 39.26 7.08 -15.89
C VAL A 349 39.57 7.23 -14.41
N GLU A 350 40.17 8.36 -14.05
CA GLU A 350 40.51 8.60 -12.66
C GLU A 350 39.24 8.80 -11.86
N PRO A 351 39.24 8.36 -10.59
CA PRO A 351 38.10 8.70 -9.75
C PRO A 351 37.97 10.22 -9.60
N PHE A 352 36.83 10.67 -9.08
CA PHE A 352 36.64 12.10 -8.83
C PHE A 352 35.69 12.36 -7.65
N PRO A 353 35.84 13.51 -6.99
CA PRO A 353 35.02 13.79 -5.82
C PRO A 353 33.57 14.05 -6.23
N ILE A 354 32.68 13.16 -5.81
CA ILE A 354 31.26 13.23 -6.17
C ILE A 354 30.60 14.36 -5.39
N GLN A 355 29.93 15.26 -6.10
CA GLN A 355 29.28 16.41 -5.52
C GLN A 355 27.78 16.31 -5.79
N MET A 356 27.07 15.44 -5.08
CA MET A 356 25.62 15.36 -5.28
C MET A 356 24.90 14.75 -4.08
N GLN A 357 23.61 15.01 -4.02
CA GLN A 357 22.76 14.37 -3.03
C GLN A 357 21.88 13.38 -3.78
N VAL A 358 21.81 12.15 -3.29
CA VAL A 358 21.02 11.11 -3.90
C VAL A 358 19.81 10.87 -3.02
N ILE A 359 18.65 10.74 -3.65
CA ILE A 359 17.43 10.38 -2.94
C ILE A 359 16.87 9.17 -3.63
N LEU A 360 16.74 8.07 -2.91
CA LEU A 360 16.15 6.86 -3.43
C LEU A 360 14.67 6.92 -3.13
N VAL A 361 13.88 6.34 -4.01
CA VAL A 361 12.43 6.30 -3.83
C VAL A 361 11.99 4.86 -3.98
N GLY A 362 11.04 4.42 -3.15
CA GLY A 362 10.45 3.09 -3.27
C GLY A 362 9.51 2.74 -2.13
N THR A 363 8.93 1.54 -2.22
CA THR A 363 8.02 0.98 -1.22
C THR A 363 8.81 0.40 -0.06
N PRO A 364 8.16 0.22 1.12
CA PRO A 364 8.88 -0.41 2.23
C PRO A 364 9.52 -1.74 1.85
N GLU A 365 8.82 -2.55 1.06
CA GLU A 365 9.36 -3.85 0.63
C GLU A 365 10.54 -3.71 -0.34
N ALA A 366 10.51 -2.70 -1.21
CA ALA A 366 11.59 -2.47 -2.17
C ALA A 366 12.93 -2.20 -1.49
N PHE A 367 12.90 -1.60 -0.31
CA PHE A 367 14.12 -1.25 0.38
C PHE A 367 14.74 -2.45 1.08
N GLU A 368 13.91 -3.42 1.47
CA GLU A 368 14.34 -4.52 2.34
C GLU A 368 15.44 -5.35 1.71
N GLY A 369 15.37 -5.54 0.39
CA GLY A 369 16.50 -6.10 -0.35
C GLY A 369 17.77 -5.29 -0.10
N LEU A 370 17.67 -3.98 -0.23
CA LEU A 370 18.82 -3.11 -0.01
C LEU A 370 19.28 -3.01 1.45
N GLU A 371 18.34 -3.07 2.39
CA GLU A 371 18.67 -2.86 3.82
C GLU A 371 19.45 -4.01 4.47
N GLU A 372 19.43 -5.19 3.86
CA GLU A 372 20.25 -6.30 4.36
C GLU A 372 21.74 -6.09 4.08
N ASP A 373 22.05 -5.07 3.27
CA ASP A 373 23.41 -4.63 3.04
C ASP A 373 23.76 -3.45 3.96
N PRO A 374 24.66 -3.68 4.94
CA PRO A 374 25.10 -2.62 5.86
C PRO A 374 25.54 -1.33 5.18
N ALA A 375 26.13 -1.39 3.98
CA ALA A 375 26.47 -0.14 3.26
C ALA A 375 25.25 0.73 2.94
N PHE A 376 24.05 0.16 2.87
CA PHE A 376 22.85 0.99 2.59
C PHE A 376 22.54 1.93 3.75
N SER A 377 22.46 1.37 4.95
CA SER A 377 22.28 2.15 6.19
C SER A 377 23.37 3.21 6.35
N GLU A 378 24.59 2.86 5.98
CA GLU A 378 25.71 3.77 6.07
C GLU A 378 25.62 4.91 5.09
N LEU A 379 25.24 4.60 3.85
CA LEU A 379 25.15 5.63 2.82
C LEU A 379 23.86 6.45 2.89
N PHE A 380 22.75 5.82 3.24
CA PHE A 380 21.43 6.47 3.23
C PHE A 380 20.90 6.55 4.64
N ARG A 381 21.28 7.63 5.29
CA ARG A 381 20.98 7.81 6.69
C ARG A 381 19.56 8.35 6.95
N ILE A 382 19.01 9.12 6.05
CA ILE A 382 17.75 9.77 6.36
C ILE A 382 16.57 9.02 5.75
N ARG A 383 15.73 8.45 6.62
CA ARG A 383 14.47 7.84 6.20
C ARG A 383 13.38 8.90 6.19
N ALA A 384 12.76 9.10 5.03
CA ALA A 384 11.64 10.02 4.88
C ALA A 384 10.38 9.18 4.53
N GLU A 385 9.63 8.78 5.56
CA GLU A 385 8.52 7.81 5.37
C GLU A 385 7.16 8.51 5.28
N PHE A 386 6.42 8.19 4.21
CA PHE A 386 5.05 8.67 3.99
C PHE A 386 4.06 7.81 4.75
N SER A 387 3.09 8.45 5.40
CA SER A 387 1.99 7.71 5.99
C SER A 387 0.99 7.31 4.90
N PRO A 388 0.40 6.12 5.04
CA PRO A 388 -0.57 5.66 4.06
C PRO A 388 -1.97 6.31 4.22
N THR A 389 -2.20 6.96 5.35
CA THR A 389 -3.41 7.66 5.62
C THR A 389 -3.05 8.99 6.25
N LEU A 390 -3.91 9.97 6.08
CA LEU A 390 -3.83 11.26 6.78
C LEU A 390 -5.02 11.37 7.71
N PRO A 391 -4.93 12.25 8.72
CA PRO A 391 -6.15 12.63 9.48
C PRO A 391 -7.28 13.09 8.55
N ALA A 392 -8.52 12.68 8.85
CA ALA A 392 -9.69 13.12 8.09
C ALA A 392 -10.23 14.42 8.74
N SER A 393 -9.82 15.56 8.18
CA SER A 393 -10.08 16.89 8.76
C SER A 393 -10.52 17.91 7.69
N PRO A 394 -11.22 19.00 8.12
CA PRO A 394 -11.54 20.07 7.16
C PRO A 394 -10.30 20.55 6.41
N GLU A 395 -9.18 20.63 7.10
CA GLU A 395 -7.94 21.10 6.49
C GLU A 395 -7.40 20.17 5.37
N ASN A 396 -7.57 18.86 5.51
CA ASN A 396 -7.03 17.98 4.47
C ASN A 396 -8.00 17.82 3.34
N CYS A 397 -9.30 17.97 3.63
CA CYS A 397 -10.30 18.01 2.56
C CYS A 397 -10.05 19.21 1.66
N THR A 398 -9.79 20.35 2.30
CA THR A 398 -9.50 21.60 1.63
C THR A 398 -8.21 21.49 0.83
N ALA A 399 -7.17 20.87 1.41
CA ALA A 399 -5.93 20.63 0.68
C ALA A 399 -6.16 19.71 -0.56
N LEU A 400 -6.98 18.68 -0.37
CA LEU A 400 -7.35 17.82 -1.50
C LEU A 400 -8.00 18.62 -2.62
N GLY A 401 -8.90 19.52 -2.24
CA GLY A 401 -9.54 20.38 -3.19
C GLY A 401 -8.57 21.21 -4.01
N GLY A 402 -7.66 21.87 -3.32
CA GLY A 402 -6.70 22.76 -3.96
C GLY A 402 -5.78 21.98 -4.84
N TRP A 403 -5.34 20.82 -4.36
CA TRP A 403 -4.50 19.94 -5.16
C TRP A 403 -5.21 19.48 -6.44
N LEU A 404 -6.46 19.06 -6.34
CA LEU A 404 -7.18 18.64 -7.54
C LEU A 404 -7.33 19.76 -8.57
N LEU A 405 -7.68 20.96 -8.13
CA LEU A 405 -7.77 22.12 -9.01
C LEU A 405 -6.44 22.42 -9.70
N ALA A 406 -5.35 22.39 -8.96
CA ALA A 406 -4.03 22.56 -9.59
C ALA A 406 -3.74 21.48 -10.64
N GLN A 407 -4.28 20.28 -10.43
CA GLN A 407 -4.17 19.23 -11.44
C GLN A 407 -4.95 19.49 -12.74
N GLY A 408 -5.85 20.46 -12.76
CA GLY A 408 -6.67 20.75 -13.94
C GLY A 408 -8.15 20.35 -13.90
N PHE A 409 -8.58 19.74 -12.81
CA PHE A 409 -10.00 19.35 -12.67
C PHE A 409 -10.96 20.55 -12.45
N GLN A 410 -12.12 20.46 -13.08
CA GLN A 410 -13.25 21.36 -12.80
C GLN A 410 -14.10 20.69 -11.72
N LEU A 411 -14.04 21.24 -10.53
CA LEU A 411 -14.47 20.54 -9.32
C LEU A 411 -15.59 21.30 -8.64
N THR A 412 -16.69 20.62 -8.38
CA THR A 412 -17.75 21.18 -7.57
C THR A 412 -17.60 20.68 -6.16
N GLN A 413 -18.30 21.35 -5.25
CA GLN A 413 -18.23 21.06 -3.82
C GLN A 413 -18.62 19.64 -3.47
N GLY A 414 -19.70 19.18 -4.08
CA GLY A 414 -20.20 17.85 -3.83
C GLY A 414 -19.26 16.81 -4.42
N GLY A 415 -18.62 17.13 -5.54
CA GLY A 415 -17.62 16.27 -6.12
C GLY A 415 -16.41 16.14 -5.22
N LEU A 416 -15.94 17.25 -4.67
CA LEU A 416 -14.88 17.23 -3.69
C LEU A 416 -15.27 16.38 -2.47
N THR A 417 -16.46 16.60 -1.96
CA THR A 417 -16.95 15.91 -0.77
C THR A 417 -17.02 14.39 -0.96
N ARG A 418 -17.50 13.97 -2.13
CA ARG A 418 -17.61 12.55 -2.41
C ARG A 418 -16.26 11.90 -2.50
N LEU A 419 -15.29 12.58 -3.11
CA LEU A 419 -13.96 12.07 -3.27
C LEU A 419 -13.29 11.99 -1.91
N TYR A 420 -13.41 13.03 -1.11
CA TYR A 420 -12.93 13.00 0.28
C TYR A 420 -13.50 11.79 1.08
N ASP A 421 -14.81 11.58 1.01
CA ASP A 421 -15.42 10.41 1.68
C ASP A 421 -14.99 9.07 1.09
N GLU A 422 -14.77 9.02 -0.21
CA GLU A 422 -14.29 7.75 -0.79
C GLU A 422 -12.90 7.47 -0.26
N ALA A 423 -12.08 8.51 -0.06
CA ALA A 423 -10.75 8.28 0.53
C ALA A 423 -10.83 7.76 1.99
N ARG A 424 -11.80 8.23 2.73
CA ARG A 424 -12.03 7.74 4.09
C ARG A 424 -12.40 6.28 4.06
N ARG A 425 -13.31 5.93 3.14
CA ARG A 425 -13.73 4.57 2.96
C ARG A 425 -12.61 3.65 2.47
N MET A 426 -11.77 4.10 1.54
CA MET A 426 -10.56 3.38 1.10
CA MET A 426 -10.63 3.29 1.14
C MET A 426 -9.67 3.01 2.33
N ALA A 427 -9.63 3.93 3.29
CA ALA A 427 -8.83 3.72 4.51
C ALA A 427 -9.53 2.82 5.54
N GLU A 428 -10.81 2.53 5.34
CA GLU A 428 -11.61 1.78 6.30
C GLU A 428 -11.48 2.33 7.72
N GLN A 429 -11.51 3.67 7.80
CA GLN A 429 -11.49 4.39 9.05
C GLN A 429 -12.33 5.63 8.89
N ARG A 430 -13.28 5.82 9.80
CA ARG A 430 -14.08 7.02 9.78
C ARG A 430 -13.24 8.27 9.95
N ASP A 431 -12.18 8.16 10.74
CA ASP A 431 -11.40 9.31 11.15
C ASP A 431 -10.10 9.52 10.33
N ARG A 432 -9.84 8.68 9.34
CA ARG A 432 -8.65 8.76 8.50
C ARG A 432 -9.02 8.75 7.02
N MET A 433 -8.13 9.29 6.19
CA MET A 433 -8.33 9.28 4.75
C MET A 433 -7.13 8.70 4.05
N ASP A 434 -7.39 7.93 2.99
CA ASP A 434 -6.33 7.40 2.20
C ASP A 434 -5.45 8.52 1.61
N ALA A 435 -4.13 8.37 1.75
CA ALA A 435 -3.19 9.44 1.37
C ALA A 435 -2.68 9.33 -0.07
N ARG A 436 -3.11 8.29 -0.78
CA ARG A 436 -2.64 7.99 -2.11
C ARG A 436 -3.24 8.91 -3.17
N LEU A 437 -2.61 10.05 -3.38
CA LEU A 437 -3.19 11.09 -4.22
C LEU A 437 -3.33 10.63 -5.66
N VAL A 438 -2.46 9.73 -6.10
CA VAL A 438 -2.51 9.23 -7.46
C VAL A 438 -3.74 8.34 -7.71
N GLU A 439 -4.13 7.56 -6.70
CA GLU A 439 -5.40 6.83 -6.75
C GLU A 439 -6.61 7.75 -6.72
N ILE A 440 -6.58 8.77 -5.88
CA ILE A 440 -7.72 9.71 -5.85
C ILE A 440 -7.82 10.39 -7.22
N ARG A 441 -6.69 10.82 -7.78
CA ARG A 441 -6.67 11.42 -9.12
C ARG A 441 -7.24 10.52 -10.23
N ALA A 442 -6.81 9.26 -10.23
CA ALA A 442 -7.27 8.33 -11.22
C ALA A 442 -8.80 8.13 -11.14
N LEU A 443 -9.36 8.07 -9.93
CA LEU A 443 -10.81 7.96 -9.77
C LEU A 443 -11.48 9.23 -10.29
N ALA A 444 -10.89 10.37 -9.94
CA ALA A 444 -11.39 11.68 -10.42
C ALA A 444 -11.37 11.81 -11.94
N GLU A 445 -10.38 11.20 -12.60
CA GLU A 445 -10.30 11.22 -14.07
C GLU A 445 -11.47 10.47 -14.73
N GLU A 446 -11.82 9.32 -14.15
CA GLU A 446 -12.98 8.54 -14.56
C GLU A 446 -14.29 9.28 -14.32
N ALA A 447 -14.45 9.81 -13.12
CA ALA A 447 -15.60 10.63 -12.78
C ALA A 447 -15.74 11.84 -13.73
N ALA A 448 -14.64 12.50 -14.04
CA ALA A 448 -14.70 13.63 -14.96
C ALA A 448 -15.29 13.23 -16.30
N VAL A 449 -14.84 12.11 -16.88
CA VAL A 449 -15.44 11.58 -18.14
C VAL A 449 -16.95 11.35 -17.99
N LEU A 450 -17.37 10.73 -16.89
CA LEU A 450 -18.79 10.47 -16.65
C LEU A 450 -19.63 11.75 -16.42
N GLY A 451 -18.95 12.83 -16.01
CA GLY A 451 -19.58 14.14 -15.82
C GLY A 451 -19.40 15.12 -16.99
N GLY A 452 -18.90 14.63 -18.11
CA GLY A 452 -18.73 15.46 -19.30
C GLY A 452 -17.66 16.51 -19.15
N GLY A 453 -16.67 16.24 -18.28
CA GLY A 453 -15.63 17.21 -17.96
C GLY A 453 -15.77 17.85 -16.59
N LEU A 454 -16.89 17.59 -15.92
CA LEU A 454 -17.20 18.21 -14.62
C LEU A 454 -17.21 17.18 -13.49
N LEU A 455 -16.48 17.48 -12.43
CA LEU A 455 -16.32 16.58 -11.33
C LEU A 455 -17.36 16.88 -10.25
N THR A 456 -18.41 16.09 -10.26
CA THR A 456 -19.58 16.34 -9.42
C THR A 456 -19.79 15.17 -8.47
N ALA A 457 -20.60 15.39 -7.43
CA ALA A 457 -21.07 14.29 -6.60
C ALA A 457 -21.51 13.06 -7.41
N GLU A 458 -22.38 13.28 -8.39
CA GLU A 458 -22.94 12.17 -9.17
C GLU A 458 -21.85 11.45 -9.97
N SER A 459 -20.95 12.21 -10.57
CA SER A 459 -19.92 11.62 -11.41
C SER A 459 -18.97 10.76 -10.57
N VAL A 460 -18.70 11.18 -9.33
CA VAL A 460 -17.88 10.40 -8.43
C VAL A 460 -18.59 9.07 -8.01
N GLU A 461 -19.83 9.14 -7.50
CA GLU A 461 -20.63 7.96 -7.12
C GLU A 461 -20.74 7.01 -8.31
N GLN A 462 -20.98 7.55 -9.50
CA GLN A 462 -21.16 6.73 -10.65
C GLN A 462 -19.83 6.10 -11.09
N ALA A 463 -18.73 6.82 -10.88
CA ALA A 463 -17.42 6.25 -11.24
C ALA A 463 -17.02 5.11 -10.29
N ILE A 464 -17.34 5.26 -9.02
CA ILE A 464 -17.17 4.21 -8.03
C ILE A 464 -18.05 3.02 -8.43
N ALA A 465 -19.31 3.26 -8.79
CA ALA A 465 -20.21 2.15 -9.15
C ALA A 465 -19.79 1.42 -10.44
N ALA A 466 -19.26 2.14 -11.44
CA ALA A 466 -18.77 1.53 -12.64
C ALA A 466 -17.51 0.68 -12.35
N ARG A 467 -16.68 1.10 -11.39
CA ARG A 467 -15.54 0.26 -10.99
C ARG A 467 -15.97 -1.08 -10.43
N GLU A 468 -17.01 -1.07 -9.58
CA GLU A 468 -17.55 -2.32 -9.00
C GLU A 468 -18.19 -3.16 -10.12
N HIS A 469 -18.88 -2.53 -11.05
CA HIS A 469 -19.54 -3.26 -12.16
C HIS A 469 -18.53 -3.99 -13.04
N ARG A 470 -17.44 -3.29 -13.34
CA ARG A 470 -16.37 -3.86 -14.12
C ARG A 470 -15.72 -5.07 -13.47
N SER A 471 -15.76 -5.15 -12.13
CA SER A 471 -15.18 -6.28 -11.40
C SER A 471 -16.20 -7.24 -10.77
N PHE A 472 -17.43 -7.21 -11.25
CA PHE A 472 -18.54 -7.92 -10.60
C PHE A 472 -18.82 -9.33 -11.15
N LEU A 473 -18.19 -9.75 -12.26
CA LEU A 473 -18.56 -11.04 -12.88
C LEU A 473 -18.60 -12.18 -11.86
N SER A 474 -17.55 -12.31 -11.06
CA SER A 474 -17.44 -13.39 -10.07
C SER A 474 -18.61 -13.39 -9.08
N GLU A 475 -19.05 -12.22 -8.66
CA GLU A 475 -20.19 -12.12 -7.76
C GLU A 475 -21.50 -12.39 -8.45
N GLU A 476 -21.59 -12.02 -9.71
CA GLU A 476 -22.77 -12.36 -10.50
C GLU A 476 -22.89 -13.89 -10.63
N GLU A 477 -21.76 -14.56 -10.84
CA GLU A 477 -21.75 -16.01 -10.94
C GLU A 477 -22.17 -16.62 -9.61
N PHE A 478 -21.67 -16.06 -8.50
CA PHE A 478 -21.95 -16.57 -7.19
C PHE A 478 -23.42 -16.42 -6.80
N LEU A 479 -23.98 -15.25 -7.05
CA LEU A 479 -25.34 -14.96 -6.63
C LEU A 479 -26.29 -15.85 -7.44
N ARG A 480 -25.98 -16.02 -8.72
CA ARG A 480 -26.78 -16.89 -9.58
C ARG A 480 -26.78 -18.33 -9.07
N ALA A 481 -25.62 -18.84 -8.63
CA ALA A 481 -25.54 -20.19 -8.10
C ALA A 481 -26.36 -20.35 -6.81
N VAL A 482 -26.33 -19.34 -5.97
CA VAL A 482 -27.14 -19.31 -4.75
C VAL A 482 -28.61 -19.30 -5.17
N GLN A 483 -28.97 -18.44 -6.10
CA GLN A 483 -30.36 -18.33 -6.56
C GLN A 483 -30.85 -19.66 -7.10
N GLU A 484 -30.01 -20.37 -7.85
CA GLU A 484 -30.37 -21.71 -8.33
C GLU A 484 -30.33 -22.84 -7.30
N GLY A 485 -29.76 -22.60 -6.12
CA GLY A 485 -29.59 -23.64 -5.10
C GLY A 485 -28.41 -24.58 -5.34
N VAL A 486 -27.51 -24.21 -6.27
CA VAL A 486 -26.25 -24.97 -6.46
C VAL A 486 -25.35 -24.72 -5.25
N ILE A 487 -25.38 -23.51 -4.71
CA ILE A 487 -24.80 -23.21 -3.40
C ILE A 487 -25.98 -23.03 -2.45
N ARG A 488 -25.98 -23.75 -1.33
CA ARG A 488 -27.11 -23.83 -0.42
C ARG A 488 -26.94 -22.84 0.72
N LEU A 489 -27.71 -21.75 0.68
CA LEU A 489 -27.66 -20.76 1.74
C LEU A 489 -29.06 -20.52 2.26
N ARG A 490 -29.15 -20.29 3.56
CA ARG A 490 -30.37 -19.91 4.23
C ARG A 490 -30.16 -18.52 4.79
N THR A 491 -31.12 -17.63 4.56
CA THR A 491 -31.08 -16.26 5.08
C THR A 491 -32.33 -15.88 5.87
N THR A 492 -33.13 -16.89 6.19
CA THR A 492 -34.33 -16.74 7.01
C THR A 492 -34.49 -18.01 7.84
N GLY A 493 -35.32 -17.94 8.85
CA GLY A 493 -35.64 -19.09 9.67
C GLY A 493 -34.57 -19.34 10.74
N ARG A 494 -34.61 -20.54 11.29
CA ARG A 494 -33.75 -20.89 12.39
C ARG A 494 -33.28 -22.33 12.20
N ALA A 495 -32.11 -22.64 12.74
CA ALA A 495 -31.56 -23.98 12.70
C ALA A 495 -30.55 -24.16 13.83
N VAL A 496 -30.45 -25.38 14.31
CA VAL A 496 -29.52 -25.76 15.36
C VAL A 496 -28.12 -26.02 14.80
N GLY A 497 -27.13 -25.38 15.41
CA GLY A 497 -25.72 -25.66 15.08
C GLY A 497 -25.24 -25.14 13.73
N GLU A 498 -25.93 -24.15 13.17
CA GLU A 498 -25.61 -23.59 11.83
C GLU A 498 -25.56 -22.08 11.88
N VAL A 499 -24.55 -21.51 11.23
CA VAL A 499 -24.45 -20.06 11.11
C VAL A 499 -23.78 -19.63 9.80
N ASN A 500 -24.20 -18.46 9.36
CA ASN A 500 -23.58 -17.77 8.25
C ASN A 500 -22.39 -16.97 8.82
N SER A 501 -21.17 -17.43 8.57
CA SER A 501 -20.02 -16.59 8.81
C SER A 501 -19.76 -15.78 7.55
N LEU A 502 -18.82 -14.85 7.63
CA LEU A 502 -18.51 -13.98 6.52
C LEU A 502 -17.03 -14.09 6.16
N VAL A 503 -16.73 -14.17 4.86
CA VAL A 503 -15.36 -14.22 4.34
C VAL A 503 -15.18 -13.23 3.19
N VAL A 504 -13.93 -12.98 2.81
CA VAL A 504 -13.63 -12.30 1.54
C VAL A 504 -12.81 -13.22 0.66
N VAL A 505 -13.08 -13.19 -0.65
CA VAL A 505 -12.31 -14.05 -1.54
C VAL A 505 -10.98 -13.34 -1.79
N GLU A 506 -9.89 -14.09 -1.78
CA GLU A 506 -8.55 -13.53 -1.92
C GLU A 506 -8.20 -13.25 -3.39
N ALA A 507 -9.03 -12.47 -4.06
CA ALA A 507 -8.71 -11.93 -5.38
C ALA A 507 -9.21 -10.51 -5.35
N ALA A 508 -8.47 -9.59 -5.95
CA ALA A 508 -8.96 -8.22 -6.07
C ALA A 508 -10.25 -8.25 -6.90
N PRO A 509 -11.22 -7.39 -6.57
CA PRO A 509 -11.28 -6.40 -5.52
C PRO A 509 -11.72 -6.92 -4.13
N TYR A 510 -11.58 -8.22 -3.86
CA TYR A 510 -11.87 -8.78 -2.52
C TYR A 510 -13.34 -8.60 -2.13
N TRP A 511 -14.22 -9.29 -2.83
CA TRP A 511 -15.63 -9.25 -2.55
C TRP A 511 -15.89 -10.06 -1.30
N GLY A 512 -16.82 -9.58 -0.51
CA GLY A 512 -17.30 -10.32 0.63
C GLY A 512 -18.41 -11.29 0.29
N ARG A 513 -18.43 -12.41 1.01
CA ARG A 513 -19.48 -13.41 0.90
C ARG A 513 -19.86 -14.10 2.21
N PRO A 514 -21.10 -14.58 2.30
CA PRO A 514 -21.42 -15.47 3.41
C PRO A 514 -20.79 -16.84 3.20
N ALA A 515 -20.39 -17.48 4.30
CA ALA A 515 -19.89 -18.85 4.29
C ALA A 515 -20.67 -19.65 5.35
N ARG A 516 -21.47 -20.60 4.90
CA ARG A 516 -22.27 -21.38 5.82
C ARG A 516 -21.38 -22.35 6.56
N LEU A 517 -21.63 -22.47 7.85
CA LEU A 517 -20.75 -23.22 8.72
C LEU A 517 -21.64 -24.04 9.64
N THR A 518 -21.26 -25.30 9.88
CA THR A 518 -22.04 -26.15 10.81
C THR A 518 -21.20 -26.70 11.95
N ALA A 519 -21.85 -26.87 13.08
CA ALA A 519 -21.28 -27.57 14.22
C ALA A 519 -22.16 -28.77 14.62
N ARG A 520 -21.54 -29.94 14.75
CA ARG A 520 -22.24 -31.14 15.24
C ARG A 520 -21.59 -31.66 16.51
N ALA A 521 -22.41 -32.04 17.46
CA ALA A 521 -21.91 -32.54 18.74
C ALA A 521 -22.30 -33.98 18.92
N ALA A 522 -21.38 -34.74 19.48
CA ALA A 522 -21.66 -36.12 19.81
C ALA A 522 -21.10 -36.42 21.18
N PRO A 523 -21.55 -37.50 21.81
CA PRO A 523 -20.91 -37.96 23.04
C PRO A 523 -19.48 -38.40 22.75
N GLY A 524 -18.53 -37.99 23.58
CA GLY A 524 -17.12 -38.29 23.30
C GLY A 524 -16.16 -37.69 24.31
N ARG A 525 -14.86 -37.76 24.00
CA ARG A 525 -13.80 -37.53 24.99
C ARG A 525 -13.13 -36.19 24.74
N ASP A 526 -13.92 -35.11 24.79
CA ASP A 526 -13.38 -33.75 24.74
C ASP A 526 -12.51 -33.45 23.49
N HIS A 527 -13.11 -33.45 22.31
CA HIS A 527 -12.42 -33.03 21.08
C HIS A 527 -13.20 -31.95 20.34
N LEU A 528 -12.54 -30.84 20.02
CA LEU A 528 -13.09 -29.86 19.10
C LEU A 528 -12.29 -29.95 17.81
N ILE A 529 -12.95 -30.43 16.77
CA ILE A 529 -12.35 -30.71 15.48
C ILE A 529 -12.81 -29.61 14.51
N SER A 530 -11.87 -28.97 13.79
CA SER A 530 -12.23 -28.33 12.51
C SER A 530 -11.95 -29.30 11.36
N ILE A 531 -13.01 -29.71 10.69
CA ILE A 531 -12.88 -30.61 9.54
C ILE A 531 -12.02 -29.99 8.44
N ASP A 532 -12.18 -28.71 8.20
CA ASP A 532 -11.44 -28.01 7.17
C ASP A 532 -9.97 -27.96 7.52
N ARG A 533 -9.69 -27.76 8.81
CA ARG A 533 -8.30 -27.74 9.27
C ARG A 533 -7.66 -29.13 9.20
N GLU A 534 -8.39 -30.15 9.61
CA GLU A 534 -7.90 -31.53 9.59
C GLU A 534 -7.64 -32.00 8.17
N ALA A 535 -8.46 -31.54 7.24
CA ALA A 535 -8.32 -31.85 5.84
C ALA A 535 -7.10 -31.14 5.21
N GLY A 536 -6.57 -30.12 5.88
CA GLY A 536 -5.36 -29.42 5.39
C GLY A 536 -5.75 -28.17 4.61
N LEU A 537 -6.98 -27.71 4.78
CA LEU A 537 -7.48 -26.55 4.04
C LEU A 537 -7.30 -25.23 4.80
N GLY A 538 -7.07 -25.32 6.10
CA GLY A 538 -6.96 -24.12 6.92
C GLY A 538 -5.54 -23.71 7.17
N GLY A 539 -5.35 -22.40 7.38
CA GLY A 539 -4.05 -21.86 7.66
C GLY A 539 -3.75 -21.89 9.15
N GLN A 540 -2.56 -21.43 9.48
CA GLN A 540 -2.06 -21.43 10.85
C GLN A 540 -2.89 -20.60 11.84
N ILE A 541 -3.29 -19.41 11.44
CA ILE A 541 -4.09 -18.52 12.30
C ILE A 541 -5.51 -19.11 12.43
N PHE A 542 -6.04 -19.63 11.33
CA PHE A 542 -7.35 -20.31 11.38
C PHE A 542 -7.33 -21.44 12.42
N HIS A 543 -6.25 -22.22 12.40
CA HIS A 543 -6.01 -23.27 13.36
C HIS A 543 -5.90 -22.74 14.79
N LYS A 544 -5.10 -21.70 14.98
CA LYS A 544 -5.08 -20.99 16.25
C LYS A 544 -6.50 -20.61 16.75
N ALA A 545 -7.36 -20.08 15.87
CA ALA A 545 -8.72 -19.71 16.30
C ALA A 545 -9.48 -20.91 16.85
N VAL A 546 -9.37 -22.07 16.20
CA VAL A 546 -10.06 -23.27 16.66
C VAL A 546 -9.53 -23.71 18.02
N LEU A 547 -8.20 -23.79 18.13
CA LEU A 547 -7.56 -24.12 19.42
C LEU A 547 -8.00 -23.18 20.56
N THR A 548 -8.15 -21.90 20.23
CA THR A 548 -8.56 -20.89 21.19
C THR A 548 -9.96 -21.16 21.68
N LEU A 549 -10.89 -21.51 20.77
CA LEU A 549 -12.26 -21.85 21.14
C LEU A 549 -12.31 -23.06 22.01
N ALA A 550 -11.49 -24.04 21.68
CA ALA A 550 -11.36 -25.22 22.47
C ALA A 550 -10.92 -24.88 23.90
N GLY A 551 -9.96 -23.95 24.01
CA GLY A 551 -9.47 -23.50 25.30
C GLY A 551 -10.55 -22.80 26.11
N TYR A 552 -11.40 -22.02 25.42
CA TYR A 552 -12.51 -21.37 26.08
C TYR A 552 -13.55 -22.38 26.60
N LEU A 553 -13.98 -23.34 25.78
CA LEU A 553 -15.02 -24.28 26.18
C LEU A 553 -14.59 -25.21 27.34
N ARG A 554 -13.40 -25.76 27.24
CA ARG A 554 -12.82 -26.61 28.29
C ARG A 554 -12.78 -25.86 29.61
N SER A 555 -12.33 -24.61 29.56
CA SER A 555 -12.11 -23.86 30.78
C SER A 555 -13.41 -23.29 31.32
N ARG A 556 -14.41 -23.13 30.47
CA ARG A 556 -15.68 -22.53 30.90
C ARG A 556 -16.60 -23.57 31.56
N TYR A 557 -16.62 -24.79 31.03
CA TYR A 557 -17.59 -25.81 31.47
C TYR A 557 -16.85 -26.97 32.10
N ILE A 558 -16.61 -26.88 33.40
CA ILE A 558 -15.73 -27.81 34.10
C ILE A 558 -16.43 -28.75 35.10
N GLU A 559 -17.76 -28.63 35.21
CA GLU A 559 -18.51 -29.35 36.26
C GLU A 559 -18.36 -30.88 36.15
N HIS A 560 -18.29 -31.39 34.93
CA HIS A 560 -18.13 -32.83 34.64
C HIS A 560 -16.68 -33.30 34.49
N GLY A 561 -15.71 -32.47 34.86
CA GLY A 561 -14.34 -32.76 34.52
C GLY A 561 -14.08 -32.31 33.09
N SER A 562 -13.31 -33.08 32.34
CA SER A 562 -13.08 -32.75 30.95
C SER A 562 -14.41 -32.85 30.18
N LEU A 563 -14.54 -32.09 29.09
CA LEU A 563 -15.82 -31.98 28.37
C LEU A 563 -16.32 -33.34 27.86
N PRO A 564 -17.60 -33.65 28.11
CA PRO A 564 -18.20 -34.92 27.66
C PRO A 564 -18.63 -34.95 26.18
N VAL A 565 -18.08 -34.05 25.35
CA VAL A 565 -18.47 -33.96 23.94
C VAL A 565 -17.27 -33.90 23.00
N THR A 566 -17.50 -34.44 21.81
CA THR A 566 -16.72 -34.20 20.63
C THR A 566 -17.53 -33.30 19.70
N ILE A 567 -16.92 -32.21 19.24
CA ILE A 567 -17.58 -31.28 18.34
C ILE A 567 -16.82 -31.18 17.04
N SER A 568 -17.51 -31.32 15.92
CA SER A 568 -16.88 -31.15 14.62
C SER A 568 -17.51 -29.97 13.87
N LEU A 569 -16.63 -29.09 13.37
CA LEU A 569 -16.99 -27.88 12.66
C LEU A 569 -16.68 -28.11 11.21
N ALA A 570 -17.57 -27.65 10.33
CA ALA A 570 -17.34 -27.71 8.89
C ALA A 570 -17.96 -26.52 8.20
N PHE A 571 -17.21 -25.91 7.28
CA PHE A 571 -17.82 -25.03 6.29
C PHE A 571 -18.55 -25.87 5.28
N GLU A 572 -19.69 -25.41 4.84
CA GLU A 572 -20.52 -26.20 3.97
C GLU A 572 -19.98 -26.23 2.54
N GLN A 573 -19.40 -25.13 2.08
CA GLN A 573 -18.68 -25.24 0.81
C GLN A 573 -17.23 -25.57 1.06
N ASN A 574 -16.56 -26.03 0.01
CA ASN A 574 -15.18 -26.46 0.07
C ASN A 574 -14.35 -25.37 -0.57
N TYR A 575 -13.36 -24.90 0.18
CA TYR A 575 -12.52 -23.82 -0.27
C TYR A 575 -11.13 -24.41 -0.50
N VAL A 576 -10.40 -23.88 -1.46
CA VAL A 576 -9.01 -24.28 -1.66
C VAL A 576 -8.22 -24.01 -0.37
N SER A 577 -8.55 -22.93 0.33
CA SER A 577 -7.93 -22.64 1.63
C SER A 577 -8.69 -21.54 2.35
N ILE A 578 -8.69 -21.61 3.68
CA ILE A 578 -9.29 -20.57 4.52
C ILE A 578 -8.19 -20.09 5.41
N GLU A 579 -8.01 -18.78 5.54
CA GLU A 579 -7.07 -18.26 6.52
C GLU A 579 -7.73 -17.18 7.34
N GLY A 580 -7.11 -16.85 8.46
CA GLY A 580 -7.63 -15.79 9.32
C GLY A 580 -8.42 -16.37 10.48
N ALA A 581 -8.60 -15.53 11.48
CA ALA A 581 -9.21 -15.93 12.76
C ALA A 581 -10.68 -15.52 12.89
N SER A 582 -11.25 -14.91 11.87
CA SER A 582 -12.51 -14.16 12.04
C SER A 582 -13.77 -15.00 11.89
N ALA A 583 -13.59 -16.30 11.72
CA ALA A 583 -14.71 -17.21 11.76
C ALA A 583 -14.85 -17.78 13.16
N GLY A 584 -14.02 -17.32 14.11
CA GLY A 584 -14.01 -17.87 15.45
C GLY A 584 -15.31 -17.67 16.19
N LEU A 585 -15.89 -16.48 16.10
CA LEU A 585 -17.18 -16.20 16.74
C LEU A 585 -18.28 -17.10 16.18
N ALA A 586 -18.43 -17.12 14.85
CA ALA A 586 -19.41 -18.02 14.21
C ALA A 586 -19.24 -19.45 14.70
N GLU A 587 -18.00 -19.90 14.75
CA GLU A 587 -17.69 -21.28 15.15
C GLU A 587 -18.07 -21.55 16.62
N LEU A 588 -17.75 -20.60 17.51
CA LEU A 588 -18.08 -20.78 18.90
C LEU A 588 -19.60 -20.80 19.16
N VAL A 589 -20.34 -19.89 18.53
CA VAL A 589 -21.79 -19.89 18.67
C VAL A 589 -22.41 -21.16 18.10
N ALA A 590 -21.91 -21.62 16.95
CA ALA A 590 -22.38 -22.88 16.37
C ALA A 590 -22.20 -24.02 17.33
N ALA A 591 -21.03 -24.07 17.98
CA ALA A 591 -20.68 -25.10 18.93
C ALA A 591 -21.58 -25.08 20.18
N LEU A 592 -21.81 -23.90 20.72
CA LEU A 592 -22.63 -23.77 21.91
C LEU A 592 -24.05 -24.18 21.54
N SER A 593 -24.51 -23.74 20.40
CA SER A 593 -25.85 -24.13 19.92
C SER A 593 -26.04 -25.63 19.78
N ALA A 594 -25.06 -26.32 19.20
CA ALA A 594 -25.10 -27.77 19.06
C ALA A 594 -25.15 -28.45 20.44
N ILE A 595 -24.41 -27.92 21.40
CA ILE A 595 -24.34 -28.51 22.74
C ILE A 595 -25.67 -28.30 23.44
N GLY A 596 -26.21 -27.09 23.35
CA GLY A 596 -27.45 -26.75 24.02
C GLY A 596 -28.73 -27.08 23.26
N ASN A 597 -28.63 -27.49 22.01
CA ASN A 597 -29.79 -27.70 21.13
C ASN A 597 -30.57 -26.40 20.92
N LEU A 598 -29.85 -25.30 20.70
CA LEU A 598 -30.42 -23.95 20.67
C LEU A 598 -30.59 -23.51 19.23
N PRO A 599 -31.85 -23.30 18.79
CA PRO A 599 -32.01 -22.87 17.41
C PRO A 599 -31.50 -21.45 17.25
N LEU A 600 -30.74 -21.20 16.19
CA LEU A 600 -30.18 -19.88 15.90
C LEU A 600 -30.82 -19.31 14.66
N ARG A 601 -31.06 -18.02 14.71
CA ARG A 601 -31.51 -17.24 13.58
C ARG A 601 -30.51 -17.35 12.44
N GLN A 602 -31.00 -17.62 11.25
CA GLN A 602 -30.16 -17.67 10.07
C GLN A 602 -30.20 -16.36 9.26
N ASP A 603 -30.99 -15.38 9.72
CA ASP A 603 -31.06 -14.10 9.03
C ASP A 603 -29.93 -13.13 9.48
N LEU A 604 -29.11 -13.55 10.45
CA LEU A 604 -28.00 -12.74 10.95
C LEU A 604 -26.68 -13.46 10.76
N ALA A 605 -25.80 -12.91 9.91
CA ALA A 605 -24.46 -13.40 9.76
C ALA A 605 -23.60 -12.89 10.90
N VAL A 606 -22.47 -13.55 11.11
CA VAL A 606 -21.67 -13.40 12.31
C VAL A 606 -20.21 -13.28 11.88
N THR A 607 -19.51 -12.30 12.41
CA THR A 607 -18.09 -12.15 12.10
C THR A 607 -17.42 -11.64 13.35
N GLY A 608 -16.27 -12.22 13.68
CA GLY A 608 -15.58 -11.87 14.91
C GLY A 608 -14.50 -12.87 15.25
N ALA A 609 -13.35 -12.40 15.72
CA ALA A 609 -12.39 -13.30 16.30
C ALA A 609 -12.72 -13.39 17.78
N VAL A 610 -12.38 -14.49 18.42
CA VAL A 610 -12.62 -14.65 19.85
C VAL A 610 -11.30 -15.03 20.53
N ASP A 611 -11.11 -14.56 21.76
CA ASP A 611 -10.00 -15.04 22.63
C ASP A 611 -10.46 -16.12 23.58
N GLN A 612 -9.53 -16.68 24.38
CA GLN A 612 -9.83 -17.83 25.27
C GLN A 612 -10.76 -17.48 26.39
N THR A 613 -10.98 -16.20 26.62
CA THR A 613 -11.88 -15.79 27.67
C THR A 613 -13.26 -15.47 27.11
N GLY A 614 -13.49 -15.71 25.79
CA GLY A 614 -14.82 -15.47 25.18
C GLY A 614 -15.10 -14.03 24.76
N LYS A 615 -14.07 -13.20 24.80
CA LYS A 615 -14.16 -11.81 24.35
C LYS A 615 -14.05 -11.77 22.83
N VAL A 616 -14.76 -10.83 22.21
CA VAL A 616 -14.76 -10.67 20.74
C VAL A 616 -13.82 -9.56 20.30
N LEU A 617 -12.95 -9.90 19.36
CA LEU A 617 -11.85 -9.05 18.88
C LEU A 617 -12.09 -8.58 17.44
N ALA A 618 -11.47 -7.44 17.08
CA ALA A 618 -11.62 -6.80 15.75
C ALA A 618 -11.22 -7.68 14.61
N VAL A 619 -11.89 -7.56 13.47
CA VAL A 619 -11.55 -8.33 12.27
C VAL A 619 -11.26 -7.41 11.07
N GLY A 620 -10.67 -7.96 10.02
CA GLY A 620 -10.39 -7.19 8.80
C GLY A 620 -11.58 -7.15 7.85
N ALA A 621 -11.50 -6.26 6.87
CA ALA A 621 -12.39 -6.20 5.73
C ALA A 621 -13.85 -6.15 6.16
N ILE A 622 -14.12 -5.46 7.27
CA ILE A 622 -15.47 -5.46 7.85
C ILE A 622 -16.50 -4.95 6.84
N ASN A 623 -16.17 -3.90 6.09
CA ASN A 623 -17.16 -3.29 5.18
C ASN A 623 -17.55 -4.27 4.10
N ALA A 624 -16.56 -4.92 3.50
CA ALA A 624 -16.79 -5.93 2.46
C ALA A 624 -17.64 -7.06 2.99
N LYS A 625 -17.30 -7.52 4.18
CA LYS A 625 -18.05 -8.60 4.78
C LYS A 625 -19.53 -8.26 4.94
N VAL A 626 -19.81 -7.09 5.52
CA VAL A 626 -21.20 -6.67 5.74
C VAL A 626 -21.96 -6.50 4.43
N GLU A 627 -21.34 -5.82 3.48
CA GLU A 627 -21.95 -5.55 2.20
C GLU A 627 -22.20 -6.80 1.40
N GLY A 628 -21.36 -7.83 1.62
CA GLY A 628 -21.52 -9.08 0.92
C GLY A 628 -22.71 -9.89 1.44
N PHE A 629 -22.98 -9.81 2.72
CA PHE A 629 -24.17 -10.49 3.22
C PHE A 629 -25.43 -9.77 2.73
N PHE A 630 -25.39 -8.46 2.73
CA PHE A 630 -26.53 -7.65 2.26
C PHE A 630 -26.84 -7.95 0.78
N ARG A 631 -25.78 -8.16 -0.01
CA ARG A 631 -25.93 -8.45 -1.42
C ARG A 631 -26.65 -9.79 -1.57
N VAL A 632 -26.26 -10.75 -0.74
CA VAL A 632 -26.88 -12.06 -0.77
C VAL A 632 -28.31 -11.96 -0.29
N CYS A 633 -28.57 -11.16 0.76
CA CYS A 633 -29.95 -11.03 1.24
C CYS A 633 -30.84 -10.34 0.19
N LYS A 634 -30.30 -9.31 -0.44
CA LYS A 634 -31.05 -8.56 -1.42
C LYS A 634 -31.42 -9.48 -2.60
N ALA A 635 -30.44 -10.24 -3.09
CA ALA A 635 -30.65 -11.14 -4.23
C ALA A 635 -31.70 -12.22 -3.97
N LEU A 636 -31.81 -12.68 -2.72
CA LEU A 636 -32.81 -13.68 -2.37
C LEU A 636 -34.10 -13.06 -1.87
N GLY A 637 -34.16 -11.74 -1.77
CA GLY A 637 -35.33 -11.05 -1.28
C GLY A 637 -35.18 -10.69 0.17
N LEU A 638 -35.14 -9.41 0.45
CA LEU A 638 -34.98 -8.93 1.80
C LEU A 638 -36.22 -9.23 2.60
N SER A 639 -36.04 -9.80 3.79
CA SER A 639 -37.15 -10.19 4.66
C SER A 639 -37.54 -9.09 5.66
N GLY A 640 -36.65 -8.12 5.85
CA GLY A 640 -36.86 -7.09 6.85
C GLY A 640 -36.20 -7.35 8.19
N THR A 641 -35.68 -8.56 8.43
CA THR A 641 -35.10 -8.90 9.73
C THR A 641 -33.62 -9.24 9.61
N GLN A 642 -33.05 -9.11 8.41
CA GLN A 642 -31.68 -9.58 8.22
C GLN A 642 -30.65 -8.59 8.70
N GLY A 643 -29.41 -9.06 8.86
CA GLY A 643 -28.36 -8.20 9.35
C GLY A 643 -27.05 -8.92 9.68
N VAL A 644 -26.18 -8.25 10.43
CA VAL A 644 -24.88 -8.83 10.77
C VAL A 644 -24.54 -8.55 12.22
N ILE A 645 -23.94 -9.53 12.87
CA ILE A 645 -23.36 -9.32 14.17
C ILE A 645 -21.86 -9.20 13.99
N LEU A 646 -21.28 -8.18 14.63
CA LEU A 646 -19.89 -7.83 14.41
C LEU A 646 -19.26 -7.25 15.69
N PRO A 647 -17.92 -7.19 15.73
CA PRO A 647 -17.28 -6.75 16.94
C PRO A 647 -17.46 -5.26 17.16
N GLU A 648 -17.71 -4.90 18.40
CA GLU A 648 -17.78 -3.51 18.81
C GLU A 648 -16.44 -2.82 18.55
N ALA A 649 -15.36 -3.56 18.68
CA ALA A 649 -14.04 -3.07 18.35
C ALA A 649 -13.88 -2.56 16.90
N ASN A 650 -14.78 -2.93 15.98
CA ASN A 650 -14.70 -2.45 14.59
C ASN A 650 -15.54 -1.21 14.28
N LEU A 651 -16.10 -0.55 15.30
CA LEU A 651 -16.97 0.62 15.05
C LEU A 651 -16.26 1.70 14.25
N ALA A 652 -14.96 1.88 14.51
CA ALA A 652 -14.18 2.93 13.85
C ALA A 652 -13.86 2.62 12.40
N ASN A 653 -14.07 1.35 11.99
CA ASN A 653 -13.77 0.92 10.63
C ASN A 653 -15.01 0.93 9.72
N LEU A 654 -16.19 1.15 10.29
CA LEU A 654 -17.42 1.00 9.54
C LEU A 654 -17.64 2.24 8.71
N THR A 655 -17.53 2.09 7.40
CA THR A 655 -17.76 3.17 6.46
C THR A 655 -18.58 2.57 5.34
N LEU A 656 -19.76 2.09 5.73
CA LEU A 656 -20.65 1.31 4.85
C LEU A 656 -21.19 2.10 3.66
N ARG A 657 -21.43 1.40 2.56
CA ARG A 657 -21.94 2.01 1.31
C ARG A 657 -23.39 2.46 1.49
N ALA A 658 -23.80 3.41 0.65
CA ALA A 658 -25.12 4.06 0.73
C ALA A 658 -26.26 3.09 0.89
N GLU A 659 -26.25 2.05 0.06
CA GLU A 659 -27.36 1.13 -0.04
C GLU A 659 -27.61 0.40 1.28
N VAL A 660 -26.54 0.02 1.99
CA VAL A 660 -26.66 -0.62 3.28
C VAL A 660 -27.15 0.37 4.34
N LEU A 661 -26.62 1.59 4.35
CA LEU A 661 -27.09 2.64 5.25
C LEU A 661 -28.58 2.95 5.04
N GLU A 662 -29.02 2.98 3.79
CA GLU A 662 -30.42 3.26 3.49
C GLU A 662 -31.30 2.13 3.99
N ALA A 663 -30.83 0.87 3.85
CA ALA A 663 -31.60 -0.26 4.32
C ALA A 663 -31.71 -0.24 5.81
N VAL A 664 -30.63 0.10 6.50
CA VAL A 664 -30.68 0.18 7.94
C VAL A 664 -31.59 1.32 8.42
N ARG A 665 -31.52 2.47 7.75
CA ARG A 665 -32.44 3.58 8.07
C ARG A 665 -33.90 3.15 7.85
N ALA A 666 -34.12 2.32 6.83
CA ALA A 666 -35.44 1.79 6.49
C ALA A 666 -35.93 0.67 7.38
N GLY A 667 -35.11 0.19 8.33
CA GLY A 667 -35.48 -0.97 9.15
C GLY A 667 -35.46 -2.29 8.41
N GLN A 668 -34.82 -2.32 7.23
CA GLN A 668 -34.73 -3.54 6.41
C GLN A 668 -33.43 -4.33 6.65
N PHE A 669 -32.52 -3.79 7.45
CA PHE A 669 -31.24 -4.42 7.70
C PHE A 669 -30.76 -3.89 9.02
N HIS A 670 -30.02 -4.71 9.75
CA HIS A 670 -29.72 -4.46 11.14
C HIS A 670 -28.25 -4.83 11.42
N ILE A 671 -27.57 -3.99 12.20
CA ILE A 671 -26.22 -4.24 12.61
C ILE A 671 -26.14 -4.26 14.12
N TYR A 672 -25.51 -5.31 14.65
CA TYR A 672 -25.36 -5.51 16.09
C TYR A 672 -23.89 -5.57 16.41
N ALA A 673 -23.46 -4.89 17.47
CA ALA A 673 -22.07 -4.85 17.85
C ALA A 673 -21.95 -5.52 19.20
N VAL A 674 -21.02 -6.46 19.33
CA VAL A 674 -20.83 -7.18 20.59
C VAL A 674 -19.39 -7.15 21.07
N GLU A 675 -19.25 -7.47 22.36
CA GLU A 675 -17.97 -7.52 23.06
C GLU A 675 -17.65 -8.94 23.52
N THR A 676 -18.67 -9.78 23.67
CA THR A 676 -18.47 -11.16 24.09
C THR A 676 -19.24 -12.12 23.21
N ALA A 677 -18.72 -13.34 23.12
CA ALA A 677 -19.34 -14.41 22.37
C ALA A 677 -20.77 -14.73 22.85
N GLU A 678 -20.96 -14.74 24.17
CA GLU A 678 -22.30 -14.95 24.73
C GLU A 678 -23.32 -13.89 24.27
N GLN A 679 -22.90 -12.62 24.16
CA GLN A 679 -23.81 -11.56 23.66
C GLN A 679 -24.31 -11.88 22.25
N ALA A 680 -23.40 -12.39 21.41
CA ALA A 680 -23.76 -12.88 20.09
C ALA A 680 -24.76 -14.02 20.19
N LEU A 681 -24.49 -14.97 21.07
CA LEU A 681 -25.33 -16.16 21.17
C LEU A 681 -26.73 -15.71 21.59
N GLU A 682 -26.80 -14.74 22.51
CA GLU A 682 -28.10 -14.23 22.98
C GLU A 682 -28.93 -13.66 21.84
N ILE A 683 -28.31 -12.87 20.96
CA ILE A 683 -29.00 -12.30 19.83
C ILE A 683 -29.47 -13.41 18.90
N LEU A 684 -28.58 -14.35 18.62
CA LEU A 684 -28.90 -15.43 17.73
C LEU A 684 -29.98 -16.38 18.25
N ALA A 685 -29.96 -16.69 19.54
CA ALA A 685 -30.91 -17.70 20.06
C ALA A 685 -32.14 -17.02 20.64
N GLY A 686 -32.15 -15.70 20.65
CA GLY A 686 -33.31 -14.94 21.05
C GLY A 686 -33.67 -15.09 22.51
N ALA A 687 -32.64 -15.13 23.36
CA ALA A 687 -32.82 -15.27 24.82
C ALA A 687 -31.56 -14.88 25.54
N ARG A 688 -31.68 -14.61 26.85
CA ARG A 688 -30.54 -14.24 27.70
C ARG A 688 -29.84 -15.49 28.23
N MET A 689 -28.56 -15.35 28.57
CA MET A 689 -27.79 -16.42 29.21
C MET A 689 -28.38 -16.83 30.57
N GLU A 690 -28.78 -15.86 31.38
CA GLU A 690 -29.33 -16.12 32.72
C GLU A 690 -30.84 -15.80 32.77
N GLY A 691 -31.32 -15.16 33.84
CA GLY A 691 -32.78 -15.06 34.12
C GLY A 691 -33.47 -16.42 34.13
N PHE A 692 -32.69 -17.44 34.50
CA PHE A 692 -32.89 -18.85 34.07
C PHE A 692 -34.30 -19.47 34.28
N ARG A 693 -35.13 -19.65 33.24
CA ARG A 693 -34.83 -20.37 31.96
C ARG A 693 -33.97 -19.76 30.83
N GLY A 694 -32.69 -19.57 31.09
CA GLY A 694 -31.80 -18.90 30.14
C GLY A 694 -31.04 -19.93 29.32
N LEU A 695 -30.20 -19.43 28.42
CA LEU A 695 -29.39 -20.29 27.56
C LEU A 695 -28.32 -21.07 28.33
N GLN A 696 -27.81 -20.51 29.42
CA GLN A 696 -26.69 -21.15 30.12
C GLN A 696 -27.16 -22.46 30.72
N GLU A 697 -28.34 -22.47 31.33
CA GLU A 697 -28.86 -23.75 31.84
C GLU A 697 -29.18 -24.77 30.73
N LYS A 698 -29.60 -24.33 29.55
CA LYS A 698 -29.81 -25.30 28.46
C LYS A 698 -28.49 -25.92 28.01
N ILE A 699 -27.41 -25.14 28.03
CA ILE A 699 -26.08 -25.63 27.62
C ILE A 699 -25.58 -26.66 28.61
N ARG A 700 -25.67 -26.31 29.89
CA ARG A 700 -25.42 -27.24 30.97
C ARG A 700 -26.28 -28.49 30.85
N ALA A 701 -27.56 -28.33 30.57
CA ALA A 701 -28.45 -29.50 30.43
C ALA A 701 -27.98 -30.41 29.29
N GLY A 702 -27.53 -29.81 28.18
CA GLY A 702 -26.94 -30.58 27.07
C GLY A 702 -25.71 -31.36 27.46
N LEU A 703 -24.79 -30.70 28.14
CA LEU A 703 -23.56 -31.34 28.59
C LEU A 703 -23.86 -32.51 29.54
N GLU A 704 -24.81 -32.35 30.46
CA GLU A 704 -25.20 -33.46 31.34
C GLU A 704 -25.79 -34.64 30.53
N ALA A 705 -26.54 -34.35 29.47
CA ALA A 705 -27.12 -35.41 28.65
C ALA A 705 -25.99 -36.18 27.96
N PHE A 706 -25.02 -35.43 27.43
CA PHE A 706 -23.92 -36.03 26.70
C PHE A 706 -23.06 -36.87 27.62
N ALA A 707 -22.80 -36.36 28.84
CA ALA A 707 -22.02 -37.10 29.84
C ALA A 707 -22.64 -38.46 30.18
N ARG A 708 -23.96 -38.51 30.38
CA ARG A 708 -24.65 -39.75 30.71
C ARG A 708 -24.53 -40.78 29.59
N LEU A 709 -24.70 -40.34 28.34
CA LEU A 709 -24.55 -41.23 27.18
C LEU A 709 -23.13 -41.77 27.11
N GLU A 710 -22.16 -40.90 27.39
CA GLU A 710 -20.74 -41.23 27.33
C GLU A 710 -20.28 -42.19 28.45
N GLU A 711 -20.94 -42.17 29.61
CA GLU A 711 -20.59 -43.10 30.69
C GLU A 711 -21.54 -44.31 30.71
N GLY A 712 -21.81 -44.84 29.50
CA GLY A 712 -22.77 -45.93 29.28
C GLY A 712 -23.67 -46.28 30.45
N GLU B 1 -12.51 -21.66 -4.36
CA GLU B 1 -12.01 -20.30 -4.06
C GLU B 1 -11.05 -20.34 -2.86
N ALA B 2 -10.04 -19.48 -2.86
CA ALA B 2 -9.22 -19.26 -1.69
C ALA B 2 -9.94 -18.17 -0.90
N VAL B 3 -10.10 -18.39 0.40
CA VAL B 3 -10.69 -17.36 1.23
C VAL B 3 -10.03 -16.98 2.57
N ALA B 5 -11.18 -15.53 6.25
CA ALA B 5 -11.99 -15.16 7.40
C ALA B 5 -11.28 -14.05 8.22
#